data_6JZW
#
_entry.id   6JZW
#
_cell.length_a   146.690
_cell.length_b   35.520
_cell.length_c   105.220
_cell.angle_alpha   90.000
_cell.angle_beta   96.410
_cell.angle_gamma   90.000
#
_symmetry.space_group_name_H-M   'C 1 2 1'
#
loop_
_entity.id
_entity.type
_entity.pdbx_description
1 polymer 'Zinc-dependent sulfurtransferase SufU'
2 polymer 'Zinc-dependent sulfurtransferase SufU'
3 non-polymer 'ZINC ION'
4 water water
#
loop_
_entity_poly.entity_id
_entity_poly.type
_entity_poly.pdbx_seq_one_letter_code
_entity_poly.pdbx_strand_id
1 'polypeptide(L)'
;MSFNANLDTLYRQVIMDHYKNPRNKGVLNDSIVVDMNNPTCGDRIRLTMKLDGDIVEDAKFEGEGCSISMASASMMTQAI
KGKDIETALSMSKIFSDMMQGKEYDDSIDLGDIEALQGVSKFPARIKCATLSWKALEKGVAKEEGGNLEHHHHHH
;
A,B
2 'polypeptide(L)'
;MSFNANLDTLYRQVIMDHYKNPRNKGVLNDSIVVDMNNPT(CSS)GDRIRLTMKLDGDIVEDAKFEGEGCSISMASASMM
TQAIKGKDIETALSMSKIFSDMMQGKEYDDSIDLGDIEALQGVSKFPARIKCATLSWKALEKGVAKEEGGNLEHHHHHH
;
C,D
#
# COMPACT_ATOMS: atom_id res chain seq x y z
N SER A 2 31.22 22.01 12.31
CA SER A 2 30.89 23.10 11.42
C SER A 2 30.43 22.57 10.06
N PHE A 3 29.87 23.47 9.25
CA PHE A 3 29.29 23.05 7.97
C PHE A 3 30.37 22.65 6.97
N ASN A 4 31.44 23.45 6.87
CA ASN A 4 32.58 23.06 6.03
C ASN A 4 33.15 21.73 6.49
N ALA A 5 33.17 21.50 7.81
CA ALA A 5 33.61 20.22 8.35
C ALA A 5 32.72 19.06 7.89
N ASN A 6 31.40 19.23 7.98
CA ASN A 6 30.49 18.18 7.52
C ASN A 6 30.66 17.91 6.03
N LEU A 7 30.88 18.96 5.23
CA LEU A 7 31.05 18.76 3.79
C LEU A 7 32.35 18.00 3.52
N ASP A 8 33.43 18.42 4.18
CA ASP A 8 34.69 17.70 4.09
C ASP A 8 34.50 16.23 4.49
N THR A 9 33.74 15.98 5.57
CA THR A 9 33.50 14.61 5.99
C THR A 9 32.71 13.82 4.94
N LEU A 10 31.82 14.48 4.22
CA LEU A 10 31.04 13.78 3.19
C LEU A 10 31.93 13.40 2.00
N TYR A 11 32.74 14.36 1.55
CA TYR A 11 33.77 14.09 0.55
C TYR A 11 34.67 12.93 0.98
N ARG A 12 35.14 12.98 2.22
CA ARG A 12 36.04 11.95 2.75
C ARG A 12 35.32 10.61 2.79
N GLN A 13 34.00 10.62 3.03
CA GLN A 13 33.23 9.40 3.10
C GLN A 13 33.12 8.79 1.71
N VAL A 14 33.03 9.63 0.69
CA VAL A 14 33.03 9.12 -0.69
C VAL A 14 34.38 8.49 -1.01
N ILE A 15 35.47 9.17 -0.64
CA ILE A 15 36.81 8.64 -0.89
C ILE A 15 37.00 7.30 -0.16
N MET A 16 36.54 7.23 1.10
CA MET A 16 36.66 5.99 1.86
C MET A 16 35.75 4.91 1.31
N ASP A 17 34.61 5.28 0.73
CA ASP A 17 33.78 4.30 0.06
C ASP A 17 34.52 3.68 -1.11
N HIS A 18 35.26 4.49 -1.86
CA HIS A 18 36.03 3.90 -2.95
C HIS A 18 37.24 3.14 -2.46
N TYR A 19 37.77 3.48 -1.28
CA TYR A 19 38.93 2.76 -0.77
C TYR A 19 38.53 1.42 -0.17
N LYS A 20 37.43 1.37 0.58
CA LYS A 20 36.98 0.16 1.25
C LYS A 20 36.04 -0.67 0.38
N ASN A 21 35.41 -0.06 -0.62
CA ASN A 21 34.57 -0.76 -1.59
C ASN A 21 35.08 -0.52 -3.01
N PRO A 22 36.31 -0.92 -3.31
CA PRO A 22 36.90 -0.55 -4.61
C PRO A 22 36.14 -1.20 -5.77
N ARG A 23 35.94 -0.40 -6.82
CA ARG A 23 35.38 -0.92 -8.07
C ARG A 23 36.47 -1.54 -8.92
N ASN A 24 36.12 -2.61 -9.64
CA ASN A 24 36.94 -3.14 -10.74
C ASN A 24 38.28 -3.71 -10.26
N LYS A 25 38.30 -4.32 -9.08
CA LYS A 25 39.50 -5.02 -8.65
C LYS A 25 39.70 -6.29 -9.48
N GLY A 26 40.96 -6.58 -9.81
CA GLY A 26 41.39 -7.78 -10.48
C GLY A 26 42.37 -7.50 -11.62
N VAL A 27 42.51 -8.49 -12.50
CA VAL A 27 43.42 -8.43 -13.63
C VAL A 27 42.70 -9.02 -14.84
N LEU A 28 42.70 -8.27 -15.94
CA LEU A 28 42.00 -8.72 -17.14
C LEU A 28 42.86 -9.62 -18.01
N ASN A 29 42.23 -10.63 -18.60
CA ASN A 29 42.82 -11.39 -19.68
C ASN A 29 43.00 -10.51 -20.92
N ASP A 30 43.98 -10.86 -21.75
CA ASP A 30 44.04 -10.39 -23.14
C ASP A 30 43.99 -8.86 -23.23
N SER A 31 44.69 -8.20 -22.32
CA SER A 31 44.53 -6.79 -22.07
C SER A 31 45.89 -6.11 -22.14
N ILE A 32 45.87 -4.78 -22.18
CA ILE A 32 47.10 -4.02 -21.97
C ILE A 32 47.38 -4.02 -20.47
N VAL A 33 48.61 -4.34 -20.10
CA VAL A 33 49.03 -4.33 -18.70
C VAL A 33 50.07 -3.25 -18.50
N VAL A 34 49.85 -2.42 -17.49
CA VAL A 34 50.75 -1.35 -17.13
C VAL A 34 51.01 -1.44 -15.63
N ASP A 35 52.28 -1.40 -15.25
CA ASP A 35 52.63 -1.37 -13.84
C ASP A 35 53.12 0.04 -13.59
N MET A 36 52.75 0.59 -12.45
CA MET A 36 53.16 1.94 -12.13
C MET A 36 53.31 2.06 -10.63
N ASN A 37 54.34 2.79 -10.20
CA ASN A 37 54.60 2.90 -8.79
C ASN A 37 54.94 4.35 -8.47
N ASN A 38 54.60 4.75 -7.27
CA ASN A 38 54.84 6.08 -6.75
C ASN A 38 55.71 5.95 -5.51
N PRO A 39 57.04 6.10 -5.67
CA PRO A 39 57.97 5.79 -4.57
C PRO A 39 57.86 6.81 -3.47
N THR A 40 57.37 8.00 -3.78
CA THR A 40 57.22 9.09 -2.83
C THR A 40 56.14 8.78 -1.79
N CYS A 41 55.29 7.78 -2.04
CA CYS A 41 54.42 7.23 -1.02
C CYS A 41 54.53 5.71 -0.93
N GLY A 42 55.21 5.06 -1.86
CA GLY A 42 55.26 3.61 -1.92
C GLY A 42 53.95 2.98 -2.35
N ASP A 43 53.28 3.57 -3.33
CA ASP A 43 52.06 3.02 -3.90
C ASP A 43 52.41 2.28 -5.18
N ARG A 44 51.81 1.11 -5.39
CA ARG A 44 52.04 0.42 -6.64
C ARG A 44 50.72 -0.14 -7.16
N ILE A 45 50.52 0.01 -8.46
CA ILE A 45 49.32 -0.41 -9.16
C ILE A 45 49.68 -1.20 -10.42
N ARG A 46 48.86 -2.20 -10.73
CA ARG A 46 48.87 -2.93 -11.99
C ARG A 46 47.51 -2.72 -12.62
N LEU A 47 47.46 -1.89 -13.66
CA LEU A 47 46.24 -1.59 -14.39
C LEU A 47 46.18 -2.43 -15.66
N THR A 48 45.06 -3.11 -15.87
CA THR A 48 44.80 -3.81 -17.12
C THR A 48 43.61 -3.17 -17.83
N MET A 49 43.69 -3.08 -19.15
CA MET A 49 42.63 -2.48 -19.95
C MET A 49 42.34 -3.31 -21.19
N LYS A 50 41.06 -3.66 -21.36
CA LYS A 50 40.55 -4.34 -22.53
C LYS A 50 39.94 -3.25 -23.43
N LEU A 51 40.59 -2.99 -24.56
CA LEU A 51 40.13 -1.99 -25.52
C LEU A 51 39.38 -2.66 -26.67
N ASP A 52 38.19 -2.13 -26.98
CA ASP A 52 37.44 -2.47 -28.19
C ASP A 52 37.66 -1.37 -29.23
N GLY A 53 38.63 -1.58 -30.11
CA GLY A 53 39.14 -0.53 -30.96
C GLY A 53 39.75 0.57 -30.10
N ASP A 54 39.06 1.70 -30.00
CA ASP A 54 39.48 2.83 -29.19
C ASP A 54 38.53 3.06 -28.02
N ILE A 55 37.71 2.06 -27.73
CA ILE A 55 36.72 2.12 -26.65
C ILE A 55 37.26 1.33 -25.47
N VAL A 56 37.30 1.97 -24.31
CA VAL A 56 37.66 1.26 -23.09
C VAL A 56 36.54 0.28 -22.76
N GLU A 57 36.71 -0.96 -23.22
CA GLU A 57 35.67 -1.95 -22.98
C GLU A 57 35.70 -2.44 -21.54
N ASP A 58 36.89 -2.57 -20.96
CA ASP A 58 36.97 -2.92 -19.55
C ASP A 58 38.29 -2.41 -18.98
N ALA A 59 38.32 -2.24 -17.66
CA ALA A 59 39.52 -1.76 -17.00
C ALA A 59 39.50 -2.26 -15.56
N LYS A 60 40.57 -2.94 -15.15
CA LYS A 60 40.69 -3.42 -13.78
C LYS A 60 42.03 -3.00 -13.22
N PHE A 61 42.13 -3.05 -11.89
CA PHE A 61 43.40 -2.75 -11.26
C PHE A 61 43.61 -3.63 -10.03
N GLU A 62 44.86 -3.95 -9.78
CA GLU A 62 45.32 -4.49 -8.53
C GLU A 62 46.33 -3.50 -7.96
N GLY A 63 46.51 -3.49 -6.65
CA GLY A 63 47.55 -2.65 -6.12
C GLY A 63 47.57 -2.60 -4.61
N GLU A 64 48.55 -1.85 -4.11
CA GLU A 64 48.63 -1.51 -2.70
C GLU A 64 49.17 -0.11 -2.54
N GLY A 65 48.51 0.68 -1.70
CA GLY A 65 48.92 2.03 -1.46
C GLY A 65 47.99 2.70 -0.47
N CYS A 66 48.15 4.01 -0.35
CA CYS A 66 47.35 4.82 0.55
C CYS A 66 45.90 4.90 0.07
N SER A 67 45.04 5.40 0.94
CA SER A 67 43.63 5.58 0.59
C SER A 67 43.49 6.38 -0.69
N ILE A 68 44.30 7.41 -0.85
CA ILE A 68 44.14 8.33 -1.98
C ILE A 68 44.42 7.62 -3.31
N SER A 69 45.54 6.89 -3.41
CA SER A 69 45.91 6.29 -4.68
C SER A 69 44.95 5.17 -5.07
N MET A 70 44.55 4.35 -4.10
CA MET A 70 43.66 3.23 -4.42
C MET A 70 42.24 3.71 -4.70
N ALA A 71 41.77 4.69 -3.93
CA ALA A 71 40.48 5.29 -4.21
C ALA A 71 40.46 5.94 -5.58
N SER A 72 41.53 6.65 -5.94
CA SER A 72 41.62 7.28 -7.24
C SER A 72 41.60 6.26 -8.36
N ALA A 73 42.32 5.14 -8.18
CA ALA A 73 42.28 4.07 -9.18
C ALA A 73 40.87 3.52 -9.36
N SER A 74 40.18 3.27 -8.24
CA SER A 74 38.79 2.82 -8.29
C SER A 74 37.91 3.80 -9.08
N MET A 75 38.01 5.09 -8.74
CA MET A 75 37.16 6.09 -9.38
C MET A 75 37.49 6.19 -10.87
N MET A 76 38.77 6.06 -11.22
CA MET A 76 39.17 6.18 -12.62
C MET A 76 38.63 5.01 -13.43
N THR A 77 38.81 3.78 -12.93
CA THR A 77 38.28 2.62 -13.64
C THR A 77 36.78 2.73 -13.82
N GLN A 78 36.08 3.21 -12.78
CA GLN A 78 34.64 3.39 -12.93
C GLN A 78 34.31 4.47 -13.95
N ALA A 79 35.11 5.53 -13.99
CA ALA A 79 34.78 6.66 -14.85
C ALA A 79 35.07 6.44 -16.32
N ILE A 80 36.11 5.67 -16.66
CA ILE A 80 36.50 5.62 -18.07
C ILE A 80 35.82 4.48 -18.83
N LYS A 81 35.16 3.56 -18.13
CA LYS A 81 34.59 2.40 -18.79
C LYS A 81 33.51 2.82 -19.79
N GLY A 82 33.67 2.34 -21.02
CA GLY A 82 32.77 2.63 -22.11
C GLY A 82 33.12 3.88 -22.88
N LYS A 83 34.12 4.64 -22.44
CA LYS A 83 34.51 5.86 -23.12
C LYS A 83 35.56 5.54 -24.17
N ASP A 84 35.66 6.41 -25.18
CA ASP A 84 36.76 6.32 -26.12
C ASP A 84 38.04 6.87 -25.51
N ILE A 85 39.17 6.43 -26.05
CA ILE A 85 40.48 6.85 -25.57
C ILE A 85 40.56 8.37 -25.48
N GLU A 86 40.06 9.07 -26.50
CA GLU A 86 40.16 10.54 -26.53
C GLU A 86 39.45 11.14 -25.33
N THR A 87 38.24 10.65 -25.04
CA THR A 87 37.51 11.14 -23.88
C THR A 87 38.23 10.79 -22.58
N ALA A 88 38.81 9.60 -22.49
CA ALA A 88 39.53 9.23 -21.27
C ALA A 88 40.72 10.15 -21.05
N LEU A 89 41.41 10.53 -22.12
CA LEU A 89 42.55 11.43 -21.98
C LEU A 89 42.09 12.85 -21.63
N SER A 90 40.95 13.28 -22.18
CA SER A 90 40.38 14.56 -21.78
C SER A 90 40.03 14.55 -20.31
N MET A 91 39.48 13.44 -19.83
CA MET A 91 39.16 13.30 -18.41
C MET A 91 40.44 13.35 -17.58
N SER A 92 41.52 12.75 -18.11
CA SER A 92 42.79 12.79 -17.40
C SER A 92 43.30 14.24 -17.28
N LYS A 93 43.18 15.01 -18.36
CA LYS A 93 43.63 16.40 -18.32
C LYS A 93 42.76 17.23 -17.38
N ILE A 94 41.44 16.99 -17.40
CA ILE A 94 40.53 17.67 -16.48
C ILE A 94 40.91 17.34 -15.04
N PHE A 95 41.23 16.07 -14.77
CA PHE A 95 41.58 15.66 -13.40
C PHE A 95 42.89 16.32 -12.99
N SER A 96 43.85 16.40 -13.92
CA SER A 96 45.11 17.09 -13.63
C SER A 96 44.85 18.53 -13.26
N ASP A 97 43.98 19.21 -14.01
CA ASP A 97 43.63 20.59 -13.68
C ASP A 97 42.98 20.69 -12.31
N MET A 98 42.09 19.73 -11.99
CA MET A 98 41.46 19.75 -10.67
C MET A 98 42.51 19.54 -9.58
N MET A 99 43.56 18.79 -9.90
CA MET A 99 44.64 18.52 -8.97
C MET A 99 45.52 19.75 -8.80
N GLN A 100 45.71 20.51 -9.87
CA GLN A 100 46.51 21.72 -9.83
C GLN A 100 45.74 22.92 -9.28
N GLY A 101 44.44 22.77 -9.04
CA GLY A 101 43.66 23.83 -8.44
C GLY A 101 42.97 24.77 -9.39
N LYS A 102 42.81 24.40 -10.66
CA LYS A 102 42.22 25.30 -11.63
C LYS A 102 40.72 25.08 -11.68
N GLU A 103 40.04 25.78 -12.58
CA GLU A 103 38.62 25.54 -12.84
C GLU A 103 38.55 24.51 -13.97
N TYR A 104 38.22 23.27 -13.61
CA TYR A 104 38.19 22.18 -14.56
C TYR A 104 36.85 22.16 -15.30
N ASP A 105 36.84 21.50 -16.46
CA ASP A 105 35.63 21.39 -17.26
C ASP A 105 34.63 20.48 -16.55
N ASP A 106 33.45 21.03 -16.24
CA ASP A 106 32.45 20.31 -15.45
C ASP A 106 31.19 20.05 -16.27
N SER A 107 31.35 19.49 -17.47
CA SER A 107 30.20 19.14 -18.30
C SER A 107 30.44 17.81 -19.02
N ILE A 108 31.25 16.95 -18.44
CA ILE A 108 31.44 15.59 -18.93
C ILE A 108 31.45 14.68 -17.70
N ASP A 109 30.91 13.48 -17.86
CA ASP A 109 30.79 12.55 -16.74
C ASP A 109 32.12 12.24 -16.10
N LEU A 110 32.44 12.89 -14.97
CA LEU A 110 33.66 12.57 -14.24
C LEU A 110 33.38 11.69 -13.03
N GLY A 111 32.10 11.43 -12.75
CA GLY A 111 31.61 10.58 -11.69
C GLY A 111 32.19 10.94 -10.33
N ASP A 112 32.56 9.89 -9.61
CA ASP A 112 33.11 9.93 -8.26
C ASP A 112 34.40 10.74 -8.12
N ILE A 113 35.13 10.97 -9.21
CA ILE A 113 36.44 11.63 -9.19
C ILE A 113 36.43 13.00 -8.53
N GLU A 114 35.32 13.71 -8.55
CA GLU A 114 35.35 15.06 -7.99
C GLU A 114 35.61 15.08 -6.48
N ALA A 115 35.31 13.99 -5.76
CA ALA A 115 35.65 13.95 -4.34
C ALA A 115 37.16 14.11 -4.12
N LEU A 116 37.97 13.70 -5.08
CA LEU A 116 39.42 13.83 -5.00
C LEU A 116 39.91 15.27 -5.10
N GLN A 117 39.03 16.25 -5.36
CA GLN A 117 39.45 17.64 -5.37
C GLN A 117 40.08 18.09 -4.06
N GLY A 118 39.65 17.52 -2.95
CA GLY A 118 40.29 17.82 -1.68
C GLY A 118 41.80 17.68 -1.72
N VAL A 119 42.29 16.69 -2.48
CA VAL A 119 43.70 16.39 -2.48
C VAL A 119 44.53 17.54 -3.07
N SER A 120 43.94 18.42 -3.88
CA SER A 120 44.79 19.52 -4.35
C SER A 120 45.31 20.36 -3.19
N LYS A 121 44.66 20.26 -2.02
CA LYS A 121 45.09 20.97 -0.82
C LYS A 121 46.45 20.50 -0.31
N PHE A 122 46.77 19.22 -0.46
CA PHE A 122 48.08 18.69 -0.07
C PHE A 122 48.93 18.36 -1.29
N PRO A 123 49.91 19.18 -1.65
CA PRO A 123 50.65 18.93 -2.90
C PRO A 123 51.33 17.57 -2.93
N ALA A 124 51.89 17.15 -1.79
CA ALA A 124 52.61 15.88 -1.73
C ALA A 124 51.72 14.68 -2.03
N ARG A 125 50.41 14.82 -1.85
CA ARG A 125 49.48 13.73 -2.11
C ARG A 125 48.96 13.74 -3.54
N ILE A 126 49.33 14.76 -4.33
CA ILE A 126 48.89 14.82 -5.72
C ILE A 126 49.38 13.59 -6.48
N LYS A 127 50.62 13.18 -6.23
CA LYS A 127 51.17 11.99 -6.87
C LYS A 127 50.31 10.78 -6.59
N CYS A 128 49.86 10.60 -5.34
CA CYS A 128 48.97 9.49 -5.05
C CYS A 128 47.80 9.51 -6.01
N ALA A 129 47.12 10.66 -6.09
CA ALA A 129 45.89 10.73 -6.86
C ALA A 129 46.15 10.52 -8.34
N THR A 130 47.35 10.84 -8.81
CA THR A 130 47.56 10.74 -10.24
C THR A 130 48.12 9.40 -10.68
N LEU A 131 48.51 8.53 -9.73
CA LEU A 131 49.19 7.30 -10.13
C LEU A 131 48.39 6.56 -11.22
N SER A 132 47.12 6.28 -10.96
CA SER A 132 46.34 5.48 -11.88
C SER A 132 46.22 6.18 -13.23
N TRP A 133 46.01 7.49 -13.22
CA TRP A 133 45.89 8.18 -14.50
C TRP A 133 47.18 8.12 -15.30
N LYS A 134 48.34 8.23 -14.65
CA LYS A 134 49.56 8.05 -15.43
C LYS A 134 49.60 6.68 -16.06
N ALA A 135 49.19 5.64 -15.31
CA ALA A 135 49.18 4.31 -15.91
C ALA A 135 48.25 4.29 -17.10
N LEU A 136 47.08 4.89 -16.94
CA LEU A 136 46.11 4.95 -18.03
C LEU A 136 46.77 5.57 -19.27
N GLU A 137 47.42 6.72 -19.08
CA GLU A 137 48.04 7.38 -20.21
C GLU A 137 49.13 6.49 -20.79
N LYS A 138 49.99 5.95 -19.92
CA LYS A 138 51.02 5.03 -20.39
C LYS A 138 50.39 3.86 -21.12
N GLY A 139 49.19 3.44 -20.67
CA GLY A 139 48.52 2.30 -21.27
C GLY A 139 48.13 2.57 -22.70
N VAL A 140 47.69 3.80 -23.00
CA VAL A 140 47.10 4.12 -24.29
C VAL A 140 48.09 4.77 -25.22
N ALA A 141 49.31 5.01 -24.75
CA ALA A 141 50.44 5.31 -25.61
C ALA A 141 51.20 4.05 -25.99
N LYS A 142 50.60 2.88 -25.73
CA LYS A 142 51.03 1.61 -26.30
C LYS A 142 50.07 1.16 -27.41
N GLU A 143 49.17 2.04 -27.83
CA GLU A 143 48.19 1.77 -28.89
C GLU A 143 47.37 0.51 -28.58
N ASN B 4 -12.76 -4.66 -9.73
CA ASN B 4 -13.32 -5.58 -10.71
C ASN B 4 -14.74 -5.19 -11.06
N ALA B 5 -15.24 -5.74 -12.17
CA ALA B 5 -16.62 -5.51 -12.58
C ALA B 5 -17.60 -6.08 -11.56
N ASN B 6 -17.35 -7.32 -11.10
CA ASN B 6 -18.21 -7.93 -10.09
C ASN B 6 -18.20 -7.13 -8.80
N LEU B 7 -17.05 -6.58 -8.43
CA LEU B 7 -16.96 -5.81 -7.21
C LEU B 7 -17.75 -4.52 -7.34
N ASP B 8 -17.62 -3.84 -8.48
CA ASP B 8 -18.44 -2.67 -8.77
C ASP B 8 -19.92 -2.99 -8.69
N THR B 9 -20.34 -4.12 -9.27
CA THR B 9 -21.75 -4.46 -9.21
C THR B 9 -22.21 -4.69 -7.78
N LEU B 10 -21.36 -5.29 -6.96
CA LEU B 10 -21.74 -5.56 -5.57
C LEU B 10 -21.82 -4.28 -4.75
N TYR B 11 -20.81 -3.42 -4.91
CA TYR B 11 -20.81 -2.09 -4.33
C TYR B 11 -22.10 -1.34 -4.71
N ARG B 12 -22.44 -1.34 -6.01
CA ARG B 12 -23.63 -0.65 -6.47
C ARG B 12 -24.88 -1.24 -5.85
N GLN B 13 -24.89 -2.56 -5.64
CA GLN B 13 -26.08 -3.19 -5.09
C GLN B 13 -26.27 -2.77 -3.63
N VAL B 14 -25.15 -2.61 -2.92
CA VAL B 14 -25.21 -2.13 -1.53
C VAL B 14 -25.68 -0.68 -1.50
N ILE B 15 -25.12 0.16 -2.36
CA ILE B 15 -25.51 1.58 -2.41
C ILE B 15 -26.99 1.70 -2.77
N MET B 16 -27.46 0.91 -3.72
CA MET B 16 -28.87 0.98 -4.09
C MET B 16 -29.75 0.47 -2.96
N ASP B 17 -29.27 -0.51 -2.19
CA ASP B 17 -30.01 -0.95 -1.02
C ASP B 17 -30.16 0.18 -0.01
N HIS B 18 -29.10 0.97 0.18
CA HIS B 18 -29.23 2.09 1.11
C HIS B 18 -30.02 3.25 0.51
N TYR B 19 -30.07 3.36 -0.81
CA TYR B 19 -30.80 4.45 -1.44
C TYR B 19 -32.30 4.15 -1.48
N LYS B 20 -32.68 2.91 -1.83
CA LYS B 20 -34.07 2.55 -1.98
C LYS B 20 -34.69 2.02 -0.69
N ASN B 21 -33.87 1.57 0.25
CA ASN B 21 -34.30 1.17 1.59
C ASN B 21 -33.55 1.96 2.65
N PRO B 22 -33.69 3.29 2.66
CA PRO B 22 -32.84 4.11 3.53
C PRO B 22 -33.13 3.83 4.99
N ARG B 23 -32.05 3.77 5.77
CA ARG B 23 -32.17 3.68 7.22
C ARG B 23 -32.37 5.06 7.84
N ASN B 24 -33.18 5.11 8.89
CA ASN B 24 -33.21 6.28 9.78
C ASN B 24 -33.76 7.54 9.10
N LYS B 25 -34.73 7.39 8.22
CA LYS B 25 -35.40 8.57 7.67
C LYS B 25 -36.25 9.19 8.77
N GLY B 26 -36.30 10.52 8.81
CA GLY B 26 -37.16 11.15 9.78
C GLY B 26 -36.46 12.30 10.49
N VAL B 27 -37.07 12.71 11.60
CA VAL B 27 -36.64 13.83 12.43
C VAL B 27 -36.85 13.45 13.89
N LEU B 28 -35.80 13.64 14.68
CA LEU B 28 -35.76 13.26 16.08
C LEU B 28 -36.29 14.41 16.92
N ASN B 29 -37.10 14.08 17.92
CA ASN B 29 -37.32 15.06 18.96
C ASN B 29 -36.04 15.28 19.75
N ASP B 30 -35.99 16.41 20.47
CA ASP B 30 -34.98 16.62 21.49
C ASP B 30 -33.56 16.55 20.91
N SER B 31 -33.39 17.07 19.69
CA SER B 31 -32.15 16.79 18.97
C SER B 31 -31.52 18.05 18.38
N ILE B 32 -30.25 17.89 18.01
CA ILE B 32 -29.54 18.85 17.16
C ILE B 32 -29.95 18.68 15.70
N VAL B 33 -30.28 19.81 15.05
CA VAL B 33 -30.72 19.84 13.66
C VAL B 33 -29.65 20.59 12.85
N VAL B 34 -29.15 19.94 11.79
CA VAL B 34 -28.10 20.47 10.93
C VAL B 34 -28.55 20.39 9.47
N ASP B 35 -28.40 21.49 8.74
CA ASP B 35 -28.68 21.48 7.31
C ASP B 35 -27.35 21.54 6.57
N MET B 36 -27.26 20.79 5.48
CA MET B 36 -26.04 20.72 4.69
C MET B 36 -26.33 20.47 3.22
N ASN B 37 -25.55 21.12 2.36
CA ASN B 37 -25.75 21.06 0.92
C ASN B 37 -24.39 20.92 0.24
N ASN B 38 -24.39 20.27 -0.93
CA ASN B 38 -23.19 20.16 -1.74
C ASN B 38 -23.46 20.77 -3.11
N PRO B 39 -22.69 21.82 -3.42
CA PRO B 39 -22.92 22.62 -4.63
C PRO B 39 -22.57 21.91 -5.91
N THR B 40 -21.71 20.88 -5.86
CA THR B 40 -21.35 20.18 -7.09
C THR B 40 -22.55 19.44 -7.66
N CYS B 41 -23.35 18.82 -6.80
CA CYS B 41 -24.51 18.09 -7.28
C CYS B 41 -25.84 18.74 -6.88
N GLY B 42 -25.83 19.71 -5.98
CA GLY B 42 -27.12 20.19 -5.51
C GLY B 42 -27.78 19.20 -4.58
N ASP B 43 -27.01 18.58 -3.68
CA ASP B 43 -27.57 17.66 -2.69
C ASP B 43 -27.82 18.36 -1.36
N ARG B 44 -28.94 18.02 -0.72
CA ARG B 44 -29.26 18.58 0.59
C ARG B 44 -29.75 17.52 1.56
N ILE B 45 -29.24 17.64 2.79
CA ILE B 45 -29.55 16.76 3.91
C ILE B 45 -29.87 17.63 5.11
N ARG B 46 -30.84 17.18 5.89
CA ARG B 46 -31.13 17.69 7.24
C ARG B 46 -30.93 16.52 8.19
N LEU B 47 -29.86 16.61 8.97
CA LEU B 47 -29.48 15.60 9.94
C LEU B 47 -29.95 16.00 11.35
N THR B 48 -30.65 15.10 12.03
CA THR B 48 -30.97 15.31 13.43
C THR B 48 -30.26 14.26 14.24
N MET B 49 -29.77 14.67 15.41
CA MET B 49 -29.03 13.78 16.30
C MET B 49 -29.47 13.97 17.73
N LYS B 50 -29.88 12.87 18.36
CA LYS B 50 -30.23 12.87 19.77
C LYS B 50 -29.01 12.35 20.53
N LEU B 51 -28.38 13.23 21.29
CA LEU B 51 -27.18 12.92 22.07
C LEU B 51 -27.59 12.65 23.51
N ASP B 52 -27.10 11.55 24.07
CA ASP B 52 -27.17 11.31 25.51
C ASP B 52 -25.81 11.69 26.07
N GLY B 53 -25.68 12.93 26.54
CA GLY B 53 -24.39 13.52 26.84
C GLY B 53 -23.53 13.59 25.60
N ASP B 54 -22.53 12.71 25.50
CA ASP B 54 -21.65 12.65 24.35
C ASP B 54 -21.83 11.36 23.57
N ILE B 55 -22.94 10.66 23.82
CA ILE B 55 -23.24 9.41 23.14
C ILE B 55 -24.30 9.68 22.10
N VAL B 56 -24.04 9.29 20.86
CA VAL B 56 -25.06 9.39 19.83
C VAL B 56 -26.14 8.36 20.14
N GLU B 57 -27.19 8.80 20.83
CA GLU B 57 -28.26 7.86 21.17
C GLU B 57 -29.16 7.58 19.98
N ASP B 58 -29.39 8.56 19.12
CA ASP B 58 -30.16 8.31 17.91
C ASP B 58 -29.73 9.31 16.84
N ALA B 59 -29.96 8.96 15.59
CA ALA B 59 -29.60 9.83 14.47
C ALA B 59 -30.51 9.53 13.30
N LYS B 60 -31.16 10.57 12.78
CA LYS B 60 -32.05 10.45 11.63
C LYS B 60 -31.65 11.50 10.59
N PHE B 61 -32.09 11.29 9.35
CA PHE B 61 -31.87 12.26 8.29
C PHE B 61 -33.07 12.32 7.37
N GLU B 62 -33.34 13.53 6.88
CA GLU B 62 -34.24 13.76 5.76
C GLU B 62 -33.42 14.43 4.67
N GLY B 63 -33.80 14.29 3.41
CA GLY B 63 -33.06 15.00 2.38
C GLY B 63 -33.48 14.62 0.98
N GLU B 64 -32.80 15.26 0.03
CA GLU B 64 -32.92 14.89 -1.38
C GLU B 64 -31.57 15.04 -2.09
N GLY B 65 -31.22 14.03 -2.87
CA GLY B 65 -29.97 14.09 -3.60
C GLY B 65 -29.78 12.84 -4.42
N CYS B 66 -28.58 12.71 -4.96
CA CYS B 66 -28.21 11.59 -5.80
C CYS B 66 -28.12 10.34 -4.93
N SER B 67 -28.03 9.18 -5.59
CA SER B 67 -27.89 7.90 -4.90
C SER B 67 -26.72 7.90 -3.92
N ILE B 68 -25.59 8.48 -4.31
CA ILE B 68 -24.38 8.40 -3.50
C ILE B 68 -24.57 9.12 -2.17
N SER B 69 -25.08 10.35 -2.23
CA SER B 69 -25.18 11.17 -1.02
C SER B 69 -26.23 10.63 -0.06
N MET B 70 -27.38 10.18 -0.58
CA MET B 70 -28.43 9.67 0.29
C MET B 70 -28.09 8.29 0.85
N ALA B 71 -27.47 7.44 0.02
CA ALA B 71 -26.97 6.16 0.52
C ALA B 71 -25.94 6.38 1.61
N SER B 72 -25.03 7.35 1.40
CA SER B 72 -24.02 7.65 2.40
C SER B 72 -24.65 8.14 3.69
N ALA B 73 -25.69 8.97 3.59
CA ALA B 73 -26.39 9.42 4.80
C ALA B 73 -27.00 8.23 5.55
N SER B 74 -27.67 7.33 4.82
CA SER B 74 -28.21 6.12 5.44
C SER B 74 -27.13 5.34 6.19
N MET B 75 -25.99 5.10 5.51
CA MET B 75 -24.93 4.30 6.10
C MET B 75 -24.34 4.99 7.32
N MET B 76 -24.23 6.31 7.28
CA MET B 76 -23.62 7.05 8.38
C MET B 76 -24.51 6.98 9.61
N THR B 77 -25.81 7.25 9.43
CA THR B 77 -26.73 7.17 10.56
C THR B 77 -26.73 5.77 11.16
N GLN B 78 -26.69 4.74 10.32
CA GLN B 78 -26.61 3.38 10.85
C GLN B 78 -25.30 3.13 11.60
N ALA B 79 -24.19 3.70 11.10
CA ALA B 79 -22.85 3.45 11.64
C ALA B 79 -22.56 4.17 12.94
N ILE B 80 -23.11 5.36 13.15
CA ILE B 80 -22.72 6.17 14.31
C ILE B 80 -23.59 5.93 15.53
N LYS B 81 -24.72 5.26 15.38
CA LYS B 81 -25.64 5.11 16.50
C LYS B 81 -24.99 4.33 17.63
N GLY B 82 -25.05 4.89 18.84
CA GLY B 82 -24.46 4.31 20.01
C GLY B 82 -22.99 4.66 20.24
N LYS B 83 -22.35 5.35 19.31
CA LYS B 83 -20.95 5.76 19.50
C LYS B 83 -20.86 7.10 20.21
N ASP B 84 -19.71 7.32 20.86
CA ASP B 84 -19.38 8.64 21.39
C ASP B 84 -18.93 9.59 20.28
N ILE B 85 -19.06 10.90 20.54
CA ILE B 85 -18.69 11.92 19.56
C ILE B 85 -17.28 11.69 19.04
N GLU B 86 -16.34 11.38 19.94
CA GLU B 86 -14.95 11.24 19.53
C GLU B 86 -14.81 10.11 18.51
N THR B 87 -15.46 8.97 18.79
CA THR B 87 -15.43 7.85 17.86
C THR B 87 -16.08 8.21 16.53
N ALA B 88 -17.20 8.95 16.59
CA ALA B 88 -17.86 9.35 15.35
C ALA B 88 -16.97 10.24 14.51
N LEU B 89 -16.22 11.14 15.15
CA LEU B 89 -15.34 12.04 14.39
C LEU B 89 -14.14 11.28 13.84
N SER B 90 -13.63 10.30 14.58
CA SER B 90 -12.58 9.44 14.04
C SER B 90 -13.09 8.67 12.83
N MET B 91 -14.32 8.17 12.90
CA MET B 91 -14.89 7.47 11.75
C MET B 91 -15.04 8.41 10.55
N SER B 92 -15.42 9.67 10.81
CA SER B 92 -15.52 10.65 9.75
C SER B 92 -14.16 10.92 9.11
N LYS B 93 -13.12 11.02 9.93
CA LYS B 93 -11.79 11.27 9.40
C LYS B 93 -11.29 10.08 8.59
N ILE B 94 -11.54 8.87 9.10
CA ILE B 94 -11.18 7.66 8.37
C ILE B 94 -11.91 7.59 7.03
N PHE B 95 -13.21 7.93 7.02
CA PHE B 95 -14.00 7.86 5.81
C PHE B 95 -13.50 8.88 4.80
N SER B 96 -13.18 10.10 5.27
CA SER B 96 -12.62 11.11 4.38
C SER B 96 -11.31 10.64 3.78
N ASP B 97 -10.43 10.04 4.60
CA ASP B 97 -9.17 9.53 4.06
C ASP B 97 -9.40 8.44 3.02
N MET B 98 -10.35 7.54 3.28
CA MET B 98 -10.63 6.49 2.31
C MET B 98 -11.19 7.06 1.02
N MET B 99 -11.93 8.18 1.12
CA MET B 99 -12.49 8.83 -0.05
C MET B 99 -11.44 9.55 -0.87
N GLN B 100 -10.44 10.14 -0.22
CA GLN B 100 -9.38 10.80 -0.96
C GLN B 100 -8.30 9.85 -1.45
N GLY B 101 -8.34 8.58 -1.09
CA GLY B 101 -7.32 7.66 -1.53
C GLY B 101 -6.10 7.56 -0.64
N LYS B 102 -6.19 8.00 0.60
CA LYS B 102 -5.01 8.11 1.46
C LYS B 102 -4.81 6.78 2.20
N GLU B 103 -3.84 6.74 3.11
CA GLU B 103 -3.63 5.57 3.95
C GLU B 103 -4.49 5.75 5.20
N TYR B 104 -5.57 5.00 5.28
CA TYR B 104 -6.46 5.04 6.42
C TYR B 104 -6.26 3.79 7.26
N ASP B 105 -6.86 3.78 8.44
CA ASP B 105 -6.69 2.65 9.34
C ASP B 105 -7.37 1.43 8.75
N ASP B 106 -6.65 0.71 7.89
CA ASP B 106 -7.13 -0.54 7.33
C ASP B 106 -7.48 -1.51 8.45
N SER B 107 -8.50 -2.34 8.19
CA SER B 107 -8.98 -3.38 9.09
C SER B 107 -9.78 -2.82 10.26
N ILE B 108 -10.46 -1.70 10.03
CA ILE B 108 -11.58 -1.28 10.86
C ILE B 108 -12.85 -1.65 10.12
N ASP B 109 -13.88 -2.09 10.84
CA ASP B 109 -15.12 -2.55 10.20
C ASP B 109 -16.05 -1.36 10.03
N LEU B 110 -16.08 -0.82 8.81
CA LEU B 110 -17.03 0.21 8.40
C LEU B 110 -18.29 -0.36 7.79
N GLY B 111 -18.38 -1.69 7.67
CA GLY B 111 -19.59 -2.33 7.15
C GLY B 111 -20.01 -1.77 5.81
N ASP B 112 -21.30 -1.44 5.66
CA ASP B 112 -21.80 -1.00 4.36
C ASP B 112 -21.00 0.18 3.80
N ILE B 113 -20.35 0.96 4.68
CA ILE B 113 -19.63 2.16 4.26
C ILE B 113 -18.55 1.79 3.26
N GLU B 114 -18.04 0.56 3.35
CA GLU B 114 -16.94 0.17 2.47
C GLU B 114 -17.36 0.11 1.02
N ALA B 115 -18.66 -0.07 0.72
CA ALA B 115 -19.07 0.01 -0.67
C ALA B 115 -18.78 1.37 -1.26
N LEU B 116 -18.80 2.41 -0.43
CA LEU B 116 -18.54 3.74 -0.94
C LEU B 116 -17.10 3.90 -1.38
N GLN B 117 -16.24 2.91 -1.11
CA GLN B 117 -14.88 3.01 -1.63
C GLN B 117 -14.90 3.08 -3.15
N GLY B 118 -15.90 2.44 -3.78
CA GLY B 118 -16.03 2.56 -5.21
C GLY B 118 -16.05 4.00 -5.69
N VAL B 119 -16.74 4.87 -4.94
CA VAL B 119 -16.93 6.24 -5.43
C VAL B 119 -15.60 6.97 -5.50
N SER B 120 -14.57 6.50 -4.79
CA SER B 120 -13.29 7.20 -4.87
C SER B 120 -12.79 7.23 -6.30
N LYS B 121 -13.25 6.30 -7.14
CA LYS B 121 -12.90 6.35 -8.55
C LYS B 121 -13.52 7.56 -9.24
N PHE B 122 -14.69 8.00 -8.78
CA PHE B 122 -15.31 9.16 -9.38
C PHE B 122 -15.15 10.35 -8.42
N PRO B 123 -14.16 11.22 -8.65
CA PRO B 123 -13.86 12.30 -7.68
C PRO B 123 -15.01 13.28 -7.40
N ALA B 124 -15.80 13.62 -8.42
CA ALA B 124 -16.91 14.57 -8.26
C ALA B 124 -17.96 14.06 -7.30
N ARG B 125 -18.06 12.75 -7.15
CA ARG B 125 -19.04 12.10 -6.30
C ARG B 125 -18.53 11.93 -4.88
N ILE B 126 -17.24 12.24 -4.63
CA ILE B 126 -16.72 12.22 -3.26
C ILE B 126 -17.41 13.24 -2.37
N LYS B 127 -17.68 14.44 -2.90
CA LYS B 127 -18.43 15.40 -2.11
C LYS B 127 -19.80 14.86 -1.76
N CYS B 128 -20.46 14.20 -2.73
CA CYS B 128 -21.72 13.54 -2.45
C CYS B 128 -21.56 12.61 -1.25
N ALA B 129 -20.54 11.76 -1.30
CA ALA B 129 -20.37 10.77 -0.25
C ALA B 129 -20.07 11.43 1.09
N THR B 130 -19.41 12.58 1.09
CA THR B 130 -19.01 13.15 2.36
C THR B 130 -20.02 14.13 2.92
N LEU B 131 -21.08 14.45 2.16
CA LEU B 131 -22.07 15.42 2.62
C LEU B 131 -22.57 15.12 4.04
N SER B 132 -23.02 13.89 4.27
CA SER B 132 -23.63 13.57 5.54
C SER B 132 -22.62 13.67 6.67
N TRP B 133 -21.39 13.23 6.44
CA TRP B 133 -20.37 13.35 7.47
C TRP B 133 -20.06 14.81 7.78
N LYS B 134 -20.04 15.68 6.76
CA LYS B 134 -19.86 17.10 7.06
C LYS B 134 -20.98 17.62 7.95
N ALA B 135 -22.21 17.14 7.73
CA ALA B 135 -23.30 17.56 8.60
C ALA B 135 -23.03 17.09 10.02
N LEU B 136 -22.56 15.85 10.16
CA LEU B 136 -22.22 15.34 11.48
C LEU B 136 -21.21 16.27 12.16
N GLU B 137 -20.15 16.64 11.43
CA GLU B 137 -19.13 17.51 12.02
C GLU B 137 -19.74 18.86 12.41
N LYS B 138 -20.55 19.44 11.52
CA LYS B 138 -21.24 20.69 11.81
C LYS B 138 -22.09 20.53 13.05
N GLY B 139 -22.70 19.35 13.21
CA GLY B 139 -23.59 19.12 14.33
C GLY B 139 -22.93 19.07 15.68
N VAL B 140 -21.80 18.38 15.80
CA VAL B 140 -21.21 18.14 17.12
C VAL B 140 -19.93 18.91 17.32
N ALA B 141 -19.47 19.68 16.34
CA ALA B 141 -18.46 20.70 16.59
C ALA B 141 -19.15 22.05 16.77
N SER C 2 -23.90 -21.98 24.97
CA SER C 2 -22.91 -20.92 24.82
C SER C 2 -22.75 -20.56 23.35
N PHE C 3 -22.35 -21.53 22.52
CA PHE C 3 -22.38 -21.33 21.07
C PHE C 3 -23.78 -20.96 20.62
N ASN C 4 -24.78 -21.70 21.14
CA ASN C 4 -26.17 -21.33 20.89
C ASN C 4 -26.47 -19.94 21.40
N ALA C 5 -25.90 -19.57 22.55
CA ALA C 5 -26.05 -18.21 23.06
C ALA C 5 -25.47 -17.16 22.11
N ASN C 6 -24.24 -17.38 21.64
CA ASN C 6 -23.65 -16.42 20.70
C ASN C 6 -24.44 -16.31 19.40
N LEU C 7 -24.98 -17.43 18.91
CA LEU C 7 -25.75 -17.42 17.67
C LEU C 7 -27.06 -16.65 17.88
N ASP C 8 -27.74 -16.94 19.00
CA ASP C 8 -28.91 -16.17 19.39
C ASP C 8 -28.59 -14.69 19.48
N THR C 9 -27.45 -14.33 20.06
CA THR C 9 -27.06 -12.93 20.17
C THR C 9 -26.86 -12.30 18.80
N LEU C 10 -26.34 -13.08 17.84
CA LEU C 10 -26.13 -12.52 16.50
C LEU C 10 -27.47 -12.27 15.83
N TYR C 11 -28.37 -13.25 15.90
CA TYR C 11 -29.76 -13.08 15.43
C TYR C 11 -30.38 -11.82 16.07
N ARG C 12 -30.25 -11.70 17.40
CA ARG C 12 -30.83 -10.57 18.12
C ARG C 12 -30.22 -9.26 17.66
N GLN C 13 -28.94 -9.29 17.29
CA GLN C 13 -28.27 -8.07 16.86
C GLN C 13 -28.83 -7.65 15.51
N VAL C 14 -29.17 -8.62 14.66
CA VAL C 14 -29.80 -8.29 13.38
C VAL C 14 -31.18 -7.69 13.61
N ILE C 15 -31.96 -8.32 14.50
CA ILE C 15 -33.28 -7.79 14.81
C ILE C 15 -33.19 -6.38 15.40
N MET C 16 -32.23 -6.15 16.31
CA MET C 16 -32.06 -4.83 16.91
C MET C 16 -31.54 -3.81 15.90
N ASP C 17 -30.76 -4.26 14.92
CA ASP C 17 -30.37 -3.37 13.84
C ASP C 17 -31.59 -2.90 13.06
N HIS C 18 -32.55 -3.80 12.83
CA HIS C 18 -33.75 -3.35 12.13
C HIS C 18 -34.67 -2.54 13.03
N TYR C 19 -34.59 -2.73 14.33
CA TYR C 19 -35.45 -1.96 15.23
C TYR C 19 -34.90 -0.55 15.43
N LYS C 20 -33.59 -0.42 15.62
CA LYS C 20 -32.96 0.87 15.89
C LYS C 20 -32.53 1.59 14.62
N ASN C 21 -32.38 0.88 13.51
CA ASN C 21 -32.10 1.47 12.19
C ASN C 21 -33.16 1.06 11.17
N PRO C 22 -34.44 1.41 11.41
CA PRO C 22 -35.52 0.88 10.55
C PRO C 22 -35.40 1.36 9.12
N ARG C 23 -35.64 0.44 8.19
CA ARG C 23 -35.72 0.77 6.78
C ARG C 23 -37.11 1.28 6.41
N ASN C 24 -37.15 2.23 5.47
CA ASN C 24 -38.38 2.61 4.77
C ASN C 24 -39.39 3.24 5.71
N LYS C 25 -38.92 4.02 6.67
CA LYS C 25 -39.82 4.79 7.50
C LYS C 25 -40.43 5.95 6.72
N GLY C 26 -41.71 6.22 6.99
CA GLY C 26 -42.40 7.35 6.42
C GLY C 26 -43.77 6.96 5.91
N VAL C 27 -44.34 7.86 5.10
CA VAL C 27 -45.68 7.68 4.55
C VAL C 27 -45.63 8.14 3.10
N LEU C 28 -46.12 7.29 2.19
CA LEU C 28 -46.09 7.60 0.77
C LEU C 28 -47.35 8.36 0.36
N ASN C 29 -47.18 9.35 -0.51
CA ASN C 29 -48.29 9.93 -1.25
C ASN C 29 -48.81 8.91 -2.27
N ASP C 30 -50.08 9.10 -2.66
CA ASP C 30 -50.61 8.46 -3.87
C ASP C 30 -50.50 6.95 -3.79
N SER C 31 -50.72 6.41 -2.61
CA SER C 31 -50.39 5.03 -2.28
C SER C 31 -51.59 4.34 -1.66
N ILE C 32 -51.49 3.02 -1.57
CA ILE C 32 -52.42 2.26 -0.74
C ILE C 32 -52.01 2.44 0.72
N VAL C 33 -52.98 2.77 1.56
CA VAL C 33 -52.78 2.97 2.99
C VAL C 33 -53.51 1.89 3.75
N VAL C 34 -52.79 1.20 4.63
CA VAL C 34 -53.33 0.13 5.45
C VAL C 34 -52.99 0.44 6.90
N ASP C 35 -53.98 0.36 7.77
CA ASP C 35 -53.76 0.54 9.19
C ASP C 35 -53.92 -0.84 9.81
N MET C 36 -53.07 -1.15 10.77
CA MET C 36 -53.11 -2.46 11.37
C MET C 36 -52.64 -2.38 12.81
N ASN C 37 -53.27 -3.16 13.68
CA ASN C 37 -52.90 -3.15 15.07
C ASN C 37 -52.88 -4.56 15.64
N ASN C 38 -52.05 -4.70 16.67
CA ASN C 38 -51.87 -5.89 17.50
C ASN C 38 -52.25 -5.41 18.91
N PRO C 39 -53.53 -5.50 19.28
CA PRO C 39 -53.99 -4.88 20.53
C PRO C 39 -53.49 -5.54 21.80
N THR C 40 -53.04 -6.78 21.75
CA THR C 40 -52.50 -7.41 22.95
C THR C 40 -51.21 -6.73 23.41
N GLY C 42 -50.05 -3.96 21.91
CA GLY C 42 -50.13 -2.53 21.69
C GLY C 42 -49.24 -2.08 20.55
N ASP C 43 -49.20 -2.87 19.48
CA ASP C 43 -48.47 -2.48 18.27
C ASP C 43 -49.44 -1.91 17.25
N ARG C 44 -49.04 -0.82 16.61
CA ARG C 44 -49.82 -0.21 15.56
C ARG C 44 -48.89 0.25 14.45
N ILE C 45 -49.29 -0.04 13.21
CA ILE C 45 -48.55 0.34 12.02
C ILE C 45 -49.47 0.92 10.95
N ARG C 46 -48.92 1.89 10.20
CA ARG C 46 -49.48 2.44 8.98
C ARG C 46 -48.55 2.06 7.84
N LEU C 47 -49.00 1.15 6.99
CA LEU C 47 -48.23 0.71 5.83
C LEU C 47 -48.73 1.45 4.59
N THR C 48 -47.82 2.07 3.84
CA THR C 48 -48.19 2.63 2.55
C THR C 48 -47.43 1.89 1.46
N MET C 49 -48.09 1.65 0.33
CA MET C 49 -47.46 0.96 -0.77
C MET C 49 -47.83 1.62 -2.10
N LYS C 50 -46.82 2.01 -2.86
CA LYS C 50 -47.01 2.51 -4.22
C LYS C 50 -46.75 1.35 -5.18
N LEU C 51 -47.80 0.90 -5.86
CA LEU C 51 -47.74 -0.21 -6.80
C LEU C 51 -47.64 0.32 -8.23
N ASP C 52 -46.66 -0.23 -8.98
CA ASP C 52 -46.56 -0.05 -10.43
C ASP C 52 -47.14 -1.28 -11.12
N GLY C 53 -48.41 -1.20 -11.50
CA GLY C 53 -49.19 -2.35 -11.90
C GLY C 53 -49.29 -3.35 -10.76
N ASP C 54 -48.56 -4.46 -10.87
CA ASP C 54 -48.53 -5.49 -9.84
C ASP C 54 -47.16 -5.58 -9.20
N ILE C 55 -46.34 -4.56 -9.40
CA ILE C 55 -44.98 -4.49 -8.86
C ILE C 55 -44.98 -3.54 -7.66
N VAL C 56 -44.49 -4.03 -6.53
CA VAL C 56 -44.31 -3.16 -5.37
C VAL C 56 -43.18 -2.19 -5.68
N GLU C 57 -43.52 -1.00 -6.18
CA GLU C 57 -42.47 -0.05 -6.50
C GLU C 57 -41.94 0.64 -5.25
N ASP C 58 -42.80 0.88 -4.26
CA ASP C 58 -42.29 1.44 -3.01
C ASP C 58 -43.19 0.99 -1.86
N ALA C 59 -42.62 0.96 -0.67
CA ALA C 59 -43.36 0.56 0.52
C ALA C 59 -42.73 1.22 1.74
N LYS C 60 -43.55 1.94 2.52
CA LYS C 60 -43.08 2.59 3.73
C LYS C 60 -43.98 2.18 4.89
N PHE C 61 -43.46 2.38 6.10
CA PHE C 61 -44.29 2.17 7.29
C PHE C 61 -43.94 3.19 8.36
N GLU C 62 -44.98 3.61 9.07
CA GLU C 62 -44.84 4.32 10.33
C GLU C 62 -45.52 3.49 11.42
N GLY C 63 -45.09 3.65 12.66
CA GLY C 63 -45.78 2.93 13.70
C GLY C 63 -45.12 3.08 15.05
N GLU C 64 -45.73 2.40 16.02
CA GLU C 64 -45.17 2.24 17.36
C GLU C 64 -45.51 0.85 17.84
N GLY C 65 -44.51 0.14 18.36
CA GLY C 65 -44.73 -1.19 18.87
C GLY C 65 -43.45 -1.74 19.42
N CYS C 66 -43.48 -3.03 19.74
CA CYS C 66 -42.32 -3.71 20.31
C CYS C 66 -41.23 -3.85 19.26
N SER C 67 -40.05 -4.25 19.74
CA SER C 67 -38.91 -4.48 18.84
C SER C 67 -39.26 -5.46 17.73
N ILE C 68 -39.99 -6.54 18.05
CA ILE C 68 -40.24 -7.58 17.06
C ILE C 68 -41.11 -7.06 15.93
N SER C 69 -42.21 -6.38 16.25
CA SER C 69 -43.14 -5.95 15.22
C SER C 69 -42.54 -4.87 14.32
N MET C 70 -41.81 -3.92 14.91
CA MET C 70 -41.24 -2.85 14.10
C MET C 70 -40.06 -3.37 13.28
N ALA C 71 -39.24 -4.24 13.88
CA ALA C 71 -38.17 -4.86 13.11
C ALA C 71 -38.74 -5.68 11.94
N SER C 72 -39.81 -6.44 12.19
CA SER C 72 -40.43 -7.23 11.13
C SER C 72 -40.95 -6.35 10.01
N ALA C 73 -41.59 -5.23 10.36
CA ALA C 73 -42.06 -4.30 9.33
C ALA C 73 -40.89 -3.76 8.50
N SER C 74 -39.81 -3.35 9.17
CA SER C 74 -38.61 -2.90 8.46
C SER C 74 -38.13 -3.98 7.48
N MET C 75 -37.99 -5.21 7.97
CA MET C 75 -37.45 -6.28 7.15
C MET C 75 -38.39 -6.57 5.99
N MET C 76 -39.70 -6.48 6.23
CA MET C 76 -40.66 -6.81 5.19
C MET C 76 -40.61 -5.77 4.07
N THR C 77 -40.63 -4.48 4.44
CA THR C 77 -40.54 -3.44 3.42
C THR C 77 -39.26 -3.57 2.62
N GLN C 78 -38.14 -3.89 3.28
CA GLN C 78 -36.91 -4.11 2.53
C GLN C 78 -37.02 -5.33 1.63
N ALA C 79 -37.68 -6.38 2.08
CA ALA C 79 -37.71 -7.63 1.35
C ALA C 79 -38.64 -7.60 0.13
N ILE C 80 -39.74 -6.84 0.19
CA ILE C 80 -40.73 -6.93 -0.89
C ILE C 80 -40.49 -5.92 -2.00
N LYS C 81 -39.64 -4.92 -1.79
CA LYS C 81 -39.48 -3.86 -2.78
C LYS C 81 -38.95 -4.41 -4.09
N GLY C 82 -39.65 -4.08 -5.18
CA GLY C 82 -39.27 -4.57 -6.49
C GLY C 82 -39.85 -5.92 -6.86
N LYS C 83 -40.53 -6.58 -5.93
CA LYS C 83 -41.15 -7.86 -6.24
C LYS C 83 -42.56 -7.64 -6.77
N ASP C 84 -43.06 -8.63 -7.50
CA ASP C 84 -44.46 -8.67 -7.88
C ASP C 84 -45.30 -9.12 -6.70
N ILE C 85 -46.59 -8.75 -6.74
CA ILE C 85 -47.52 -9.10 -5.67
C ILE C 85 -47.47 -10.61 -5.38
N GLU C 86 -47.45 -11.43 -6.43
CA GLU C 86 -47.47 -12.88 -6.25
C GLU C 86 -46.25 -13.35 -5.46
N THR C 87 -45.06 -12.83 -5.81
CA THR C 87 -43.86 -13.20 -5.08
C THR C 87 -43.92 -12.72 -3.63
N ALA C 88 -44.43 -11.51 -3.42
CA ALA C 88 -44.55 -10.98 -2.07
C ALA C 88 -45.48 -11.84 -1.22
N LEU C 89 -46.58 -12.32 -1.82
CA LEU C 89 -47.50 -13.16 -1.06
C LEU C 89 -46.90 -14.53 -0.79
N SER C 90 -46.14 -15.06 -1.74
CA SER C 90 -45.41 -16.30 -1.49
C SER C 90 -44.42 -16.13 -0.34
N MET C 91 -43.73 -14.99 -0.30
CA MET C 91 -42.82 -14.69 0.80
C MET C 91 -43.58 -14.61 2.12
N SER C 92 -44.79 -14.05 2.08
CA SER C 92 -45.59 -13.98 3.28
C SER C 92 -45.95 -15.37 3.79
N LYS C 93 -46.31 -16.27 2.87
CA LYS C 93 -46.65 -17.64 3.25
C LYS C 93 -45.44 -18.38 3.78
N ILE C 94 -44.27 -18.19 3.15
CA ILE C 94 -43.03 -18.79 3.64
C ILE C 94 -42.72 -18.29 5.04
N PHE C 95 -42.91 -16.99 5.28
CA PHE C 95 -42.62 -16.42 6.59
C PHE C 95 -43.57 -17.00 7.62
N SER C 96 -44.84 -17.16 7.26
CA SER C 96 -45.83 -17.75 8.17
C SER C 96 -45.42 -19.18 8.55
N ASP C 97 -45.01 -19.97 7.56
CA ASP C 97 -44.56 -21.34 7.87
C ASP C 97 -43.33 -21.31 8.77
N MET C 98 -42.42 -20.37 8.52
CA MET C 98 -41.24 -20.23 9.37
C MET C 98 -41.65 -19.84 10.79
N MET C 99 -42.73 -19.08 10.93
CA MET C 99 -43.23 -18.65 12.23
C MET C 99 -43.90 -19.79 12.96
N GLN C 100 -44.55 -20.69 12.23
CA GLN C 100 -45.21 -21.83 12.84
C GLN C 100 -44.25 -22.97 13.11
N GLY C 101 -42.97 -22.82 12.77
CA GLY C 101 -41.97 -23.82 13.06
C GLY C 101 -41.76 -24.86 12.00
N LYS C 102 -42.26 -24.63 10.78
CA LYS C 102 -42.19 -25.64 9.75
C LYS C 102 -40.92 -25.48 8.92
N GLU C 103 -40.82 -26.28 7.87
CA GLU C 103 -39.74 -26.19 6.91
C GLU C 103 -40.17 -25.25 5.79
N TYR C 104 -39.41 -24.18 5.59
CA TYR C 104 -39.79 -23.14 4.64
C TYR C 104 -38.80 -23.10 3.47
N ASP C 105 -39.20 -22.35 2.44
CA ASP C 105 -38.45 -22.28 1.20
C ASP C 105 -37.39 -21.19 1.30
N ASP C 106 -36.12 -21.60 1.22
CA ASP C 106 -34.98 -20.68 1.26
C ASP C 106 -34.53 -20.23 -0.12
N SER C 107 -35.07 -20.81 -1.18
CA SER C 107 -34.62 -20.55 -2.55
C SER C 107 -35.22 -19.28 -3.13
N ILE C 108 -35.95 -18.50 -2.34
CA ILE C 108 -36.41 -17.18 -2.75
C ILE C 108 -35.72 -16.17 -1.85
N ASP C 109 -35.59 -14.94 -2.35
CA ASP C 109 -34.93 -13.87 -1.62
C ASP C 109 -35.77 -13.49 -0.41
N LEU C 110 -35.35 -13.89 0.79
CA LEU C 110 -36.09 -13.49 1.98
C LEU C 110 -35.36 -12.44 2.80
N GLY C 111 -34.14 -12.11 2.41
CA GLY C 111 -33.30 -11.07 2.99
C GLY C 111 -33.19 -11.25 4.50
N ASP C 112 -33.30 -10.11 5.18
CA ASP C 112 -33.20 -9.96 6.63
C ASP C 112 -34.23 -10.75 7.44
N ILE C 113 -35.37 -11.12 6.83
CA ILE C 113 -36.50 -11.74 7.52
C ILE C 113 -36.14 -13.03 8.27
N GLU C 114 -35.14 -13.78 7.81
CA GLU C 114 -34.88 -15.06 8.49
C GLU C 114 -34.39 -14.90 9.92
N ALA C 115 -33.83 -13.75 10.30
CA ALA C 115 -33.45 -13.56 11.70
C ALA C 115 -34.64 -13.70 12.64
N LEU C 116 -35.85 -13.43 12.14
CA LEU C 116 -37.09 -13.55 12.90
C LEU C 116 -37.50 -15.00 13.14
N GLN C 117 -36.80 -16.00 12.59
CA GLN C 117 -37.12 -17.40 12.86
C GLN C 117 -37.00 -17.79 14.33
N GLY C 118 -36.13 -17.16 15.09
CA GLY C 118 -36.13 -17.39 16.53
C GLY C 118 -37.50 -17.24 17.14
N VAL C 119 -38.31 -16.32 16.61
CA VAL C 119 -39.61 -16.00 17.18
C VAL C 119 -40.58 -17.17 17.14
N SER C 120 -40.41 -18.14 16.22
CA SER C 120 -41.36 -19.25 16.31
C SER C 120 -41.24 -19.97 17.65
N LYS C 121 -40.11 -19.81 18.33
CA LYS C 121 -39.84 -20.34 19.67
C LYS C 121 -40.74 -19.73 20.74
N PHE C 122 -41.10 -18.44 20.61
CA PHE C 122 -42.09 -17.86 21.53
C PHE C 122 -43.42 -17.58 20.86
N PRO C 123 -44.44 -18.42 21.10
CA PRO C 123 -45.69 -18.26 20.32
C PRO C 123 -46.33 -16.91 20.49
N ALA C 124 -46.25 -16.35 21.71
CA ALA C 124 -46.94 -15.08 21.97
C ALA C 124 -46.46 -13.95 21.10
N ARG C 125 -45.24 -14.03 20.58
CA ARG C 125 -44.67 -12.99 19.75
C ARG C 125 -44.96 -13.18 18.26
N ILE C 126 -45.59 -14.30 17.88
CA ILE C 126 -45.88 -14.52 16.46
C ILE C 126 -46.77 -13.43 15.89
N LYS C 127 -47.79 -13.00 16.64
CA LYS C 127 -48.63 -11.92 16.14
C LYS C 127 -47.80 -10.68 15.87
N CYS C 128 -46.88 -10.34 16.78
CA CYS C 128 -46.00 -9.22 16.52
C CYS C 128 -45.31 -9.36 15.19
N ALA C 129 -44.66 -10.51 14.96
CA ALA C 129 -43.86 -10.67 13.75
C ALA C 129 -44.71 -10.62 12.51
N THR C 130 -45.99 -11.02 12.61
CA THR C 130 -46.81 -11.09 11.42
C THR C 130 -47.58 -9.81 11.16
N LEU C 131 -47.57 -8.86 12.10
CA LEU C 131 -48.42 -7.68 11.93
C LEU C 131 -48.25 -7.06 10.56
N SER C 132 -47.01 -6.72 10.19
CA SER C 132 -46.77 -6.02 8.94
C SER C 132 -47.22 -6.85 7.76
N TRP C 133 -46.94 -8.16 7.80
CA TRP C 133 -47.35 -9.01 6.69
C TRP C 133 -48.87 -9.07 6.55
N LYS C 134 -49.59 -9.11 7.67
CA LYS C 134 -51.04 -9.05 7.53
C LYS C 134 -51.45 -7.76 6.84
N ALA C 135 -50.77 -6.66 7.17
CA ALA C 135 -51.08 -5.40 6.52
C ALA C 135 -50.86 -5.52 5.02
N LEU C 136 -49.74 -6.14 4.64
CA LEU C 136 -49.45 -6.34 3.22
C LEU C 136 -50.59 -7.08 2.54
N GLU C 137 -51.03 -8.18 3.14
CA GLU C 137 -52.11 -8.95 2.52
C GLU C 137 -53.36 -8.10 2.39
N LYS C 138 -53.68 -7.35 3.45
CA LYS C 138 -54.82 -6.44 3.42
C LYS C 138 -54.64 -5.41 2.32
N GLY C 139 -53.39 -4.98 2.11
CA GLY C 139 -53.11 -3.93 1.15
C GLY C 139 -53.26 -4.36 -0.30
N VAL C 140 -52.74 -5.52 -0.67
CA VAL C 140 -52.73 -5.86 -2.08
C VAL C 140 -53.78 -6.94 -2.32
N ALA C 141 -54.83 -6.92 -1.49
CA ALA C 141 -56.09 -7.55 -1.81
C ALA C 141 -57.12 -6.54 -2.30
N LYS C 142 -56.97 -5.27 -1.92
CA LYS C 142 -57.87 -4.19 -2.31
C LYS C 142 -57.55 -3.62 -3.69
N GLU C 143 -56.62 -4.21 -4.43
CA GLU C 143 -56.27 -3.75 -5.76
C GLU C 143 -57.15 -4.38 -6.82
N ASN D 4 7.36 3.13 -13.40
CA ASN D 4 7.34 4.00 -14.56
C ASN D 4 8.50 3.62 -15.49
N ALA D 5 8.45 4.07 -16.74
CA ALA D 5 9.55 3.85 -17.67
C ALA D 5 10.83 4.53 -17.19
N ASN D 6 10.72 5.79 -16.77
CA ASN D 6 11.90 6.51 -16.26
C ASN D 6 12.49 5.83 -15.03
N LEU D 7 11.62 5.28 -14.18
CA LEU D 7 12.08 4.61 -12.97
C LEU D 7 12.79 3.32 -13.32
N ASP D 8 12.20 2.54 -14.24
CA ASP D 8 12.87 1.36 -14.75
C ASP D 8 14.24 1.68 -15.34
N THR D 9 14.34 2.75 -16.13
CA THR D 9 15.64 3.08 -16.70
C THR D 9 16.65 3.46 -15.63
N LEU D 10 16.22 4.16 -14.58
CA LEU D 10 17.15 4.55 -13.54
C LEU D 10 17.62 3.35 -12.72
N TYR D 11 16.67 2.51 -12.32
CA TYR D 11 16.95 1.24 -11.67
C TYR D 11 17.97 0.43 -12.48
N ARG D 12 17.72 0.28 -13.79
CA ARG D 12 18.59 -0.51 -14.63
C ARG D 12 19.98 0.11 -14.72
N GLN D 13 20.06 1.44 -14.70
CA GLN D 13 21.37 2.06 -14.79
C GLN D 13 22.17 1.83 -13.51
N VAL D 14 21.49 1.81 -12.36
CA VAL D 14 22.17 1.50 -11.10
C VAL D 14 22.65 0.05 -11.08
N ILE D 15 21.77 -0.86 -11.51
CA ILE D 15 22.13 -2.29 -11.57
C ILE D 15 23.30 -2.50 -12.52
N MET D 16 23.28 -1.84 -13.69
CA MET D 16 24.38 -2.00 -14.64
C MET D 16 25.67 -1.40 -14.08
N ASP D 17 25.57 -0.32 -13.29
CA ASP D 17 26.77 0.21 -12.64
C ASP D 17 27.37 -0.80 -11.68
N HIS D 18 26.52 -1.50 -10.92
CA HIS D 18 27.06 -2.51 -10.02
C HIS D 18 27.50 -3.76 -10.77
N TYR D 19 26.93 -4.01 -11.94
CA TYR D 19 27.32 -5.19 -12.70
C TYR D 19 28.63 -4.97 -13.45
N LYS D 20 28.80 -3.80 -14.06
CA LYS D 20 29.97 -3.52 -14.86
C LYS D 20 31.11 -2.92 -14.04
N ASN D 21 30.80 -2.34 -12.88
CA ASN D 21 31.79 -1.82 -11.94
C ASN D 21 31.61 -2.44 -10.57
N PRO D 22 31.75 -3.77 -10.47
CA PRO D 22 31.41 -4.44 -9.21
C PRO D 22 32.31 -4.00 -8.08
N ARG D 23 31.69 -3.80 -6.92
CA ARG D 23 32.46 -3.52 -5.72
C ARG D 23 32.94 -4.81 -5.08
N ASN D 24 34.14 -4.75 -4.49
CA ASN D 24 34.63 -5.79 -3.58
C ASN D 24 34.86 -7.14 -4.25
N LYS D 25 35.32 -7.13 -5.49
CA LYS D 25 35.72 -8.39 -6.11
C LYS D 25 37.01 -8.89 -5.49
N GLY D 26 37.08 -10.22 -5.29
CA GLY D 26 38.27 -10.87 -4.80
C GLY D 26 37.96 -11.89 -3.73
N VAL D 27 39.01 -12.26 -2.98
CA VAL D 27 38.96 -13.25 -1.92
C VAL D 27 39.79 -12.74 -0.77
N LEU D 28 39.22 -12.77 0.44
CA LEU D 28 39.89 -12.23 1.61
C LEU D 28 40.79 -13.25 2.28
N ASN D 29 41.91 -12.77 2.82
CA ASN D 29 42.69 -13.58 3.77
C ASN D 29 41.86 -13.83 5.02
N ASP D 30 42.17 -14.94 5.70
CA ASP D 30 41.77 -15.12 7.10
C ASP D 30 40.25 -14.99 7.28
N SER D 31 39.49 -15.52 6.33
CA SER D 31 38.08 -15.21 6.21
C SER D 31 37.23 -16.48 6.16
N ILE D 32 35.93 -16.30 6.37
CA ILE D 32 34.94 -17.34 6.10
C ILE D 32 34.64 -17.39 4.61
N VAL D 33 34.65 -18.58 4.03
CA VAL D 33 34.40 -18.79 2.61
C VAL D 33 33.10 -19.56 2.45
N VAL D 34 32.21 -19.03 1.62
CA VAL D 34 30.91 -19.63 1.34
C VAL D 34 30.70 -19.73 -0.17
N ASP D 35 30.30 -20.90 -0.64
CA ASP D 35 29.95 -21.09 -2.04
C ASP D 35 28.43 -21.24 -2.12
N MET D 36 27.84 -20.64 -3.14
CA MET D 36 26.40 -20.72 -3.28
C MET D 36 26.06 -20.62 -4.76
N ASN D 37 25.07 -21.38 -5.20
CA ASN D 37 24.69 -21.33 -6.61
C ASN D 37 23.19 -21.37 -6.82
N ASN D 38 22.81 -20.88 -8.00
CA ASN D 38 21.47 -20.78 -8.54
C ASN D 38 21.47 -21.71 -9.74
N PRO D 39 21.02 -22.97 -9.59
CA PRO D 39 21.23 -23.93 -10.68
C PRO D 39 20.40 -23.65 -11.90
N THR D 40 19.24 -22.99 -11.73
CA THR D 40 18.36 -22.69 -12.85
C THR D 40 18.93 -21.61 -13.74
N GLY D 42 21.83 -20.50 -13.28
CA GLY D 42 23.23 -20.87 -13.40
C GLY D 42 24.16 -19.79 -12.86
N ASP D 43 23.81 -19.22 -11.72
CA ASP D 43 24.65 -18.22 -11.06
C ASP D 43 25.47 -18.88 -9.96
N ARG D 44 26.71 -18.48 -9.81
CA ARG D 44 27.52 -19.01 -8.74
C ARG D 44 28.34 -17.89 -8.12
N ILE D 45 28.40 -17.89 -6.79
CA ILE D 45 29.15 -16.91 -6.03
C ILE D 45 29.97 -17.62 -4.97
N ARG D 46 31.18 -17.10 -4.74
CA ARG D 46 32.01 -17.44 -3.60
C ARG D 46 32.25 -16.16 -2.81
N LEU D 47 31.62 -16.08 -1.65
CA LEU D 47 31.69 -14.93 -0.76
C LEU D 47 32.71 -15.22 0.34
N THR D 48 33.62 -14.27 0.56
CA THR D 48 34.51 -14.33 1.71
C THR D 48 34.18 -13.18 2.63
N MET D 49 34.24 -13.44 3.94
CA MET D 49 33.97 -12.41 4.94
C MET D 49 34.99 -12.44 6.06
N LYS D 50 35.61 -11.30 6.31
CA LYS D 50 36.52 -11.09 7.43
C LYS D 50 35.69 -10.48 8.56
N LEU D 51 35.45 -11.26 9.61
CA LEU D 51 34.69 -10.85 10.78
C LEU D 51 35.66 -10.45 11.89
N ASP D 52 35.44 -9.26 12.45
CA ASP D 52 36.12 -8.81 13.66
C ASP D 52 35.17 -9.05 14.82
N GLY D 53 35.32 -10.19 15.49
CA GLY D 53 34.31 -10.66 16.41
C GLY D 53 33.01 -10.91 15.69
N ASP D 54 32.04 -10.02 15.89
CA ASP D 54 30.72 -10.12 15.28
C ASP D 54 30.49 -8.96 14.32
N ILE D 55 31.54 -8.21 13.99
CA ILE D 55 31.46 -7.07 13.09
C ILE D 55 32.06 -7.46 11.76
N VAL D 56 31.31 -7.21 10.69
CA VAL D 56 31.80 -7.44 9.33
C VAL D 56 32.89 -6.44 9.04
N GLU D 57 34.14 -6.84 9.24
CA GLU D 57 35.23 -5.93 8.95
C GLU D 57 35.47 -5.81 7.45
N ASP D 58 35.29 -6.89 6.70
CA ASP D 58 35.41 -6.81 5.25
C ASP D 58 34.59 -7.92 4.61
N ALA D 59 34.24 -7.72 3.33
CA ALA D 59 33.46 -8.71 2.60
C ALA D 59 33.78 -8.59 1.12
N LYS D 60 34.18 -9.71 0.50
CA LYS D 60 34.47 -9.75 -0.93
C LYS D 60 33.72 -10.91 -1.57
N PHE D 61 33.58 -10.86 -2.88
CA PHE D 61 32.96 -11.96 -3.60
C PHE D 61 33.64 -12.18 -4.93
N GLU D 62 33.64 -13.43 -5.35
CA GLU D 62 33.96 -13.76 -6.73
C GLU D 62 32.71 -14.43 -7.30
N GLY D 63 32.52 -14.37 -8.60
CA GLY D 63 31.40 -15.13 -9.12
C GLY D 63 31.18 -14.95 -10.61
N GLU D 64 30.19 -15.68 -11.10
CA GLU D 64 29.72 -15.55 -12.47
C GLU D 64 28.22 -15.74 -12.50
N GLY D 65 27.52 -14.83 -13.15
CA GLY D 65 26.09 -14.97 -13.23
C GLY D 65 25.50 -13.82 -13.99
N CYS D 66 24.18 -13.76 -13.94
CA CYS D 66 23.44 -12.74 -14.64
C CYS D 66 23.67 -11.39 -13.95
N SER D 67 23.26 -10.33 -14.65
CA SER D 67 23.40 -8.98 -14.12
C SER D 67 22.77 -8.84 -12.73
N ILE D 68 21.60 -9.44 -12.52
CA ILE D 68 20.89 -9.22 -11.26
C ILE D 68 21.68 -9.79 -10.09
N SER D 69 22.15 -11.03 -10.22
CA SER D 69 22.82 -11.69 -9.10
C SER D 69 24.17 -11.03 -8.77
N MET D 70 24.95 -10.68 -9.79
CA MET D 70 26.27 -10.10 -9.54
C MET D 70 26.15 -8.67 -9.04
N ALA D 71 25.22 -7.90 -9.62
CA ALA D 71 24.97 -6.56 -9.11
C ALA D 71 24.51 -6.62 -7.66
N SER D 72 23.63 -7.59 -7.34
CA SER D 72 23.15 -7.76 -5.98
C SER D 72 24.30 -8.11 -5.03
N ALA D 73 25.22 -8.98 -5.45
CA ALA D 73 26.38 -9.30 -4.62
C ALA D 73 27.24 -8.06 -4.37
N SER D 74 27.50 -7.27 -5.42
CA SER D 74 28.25 -6.03 -5.25
C SER D 74 27.57 -5.12 -4.22
N MET D 75 26.26 -4.93 -4.37
CA MET D 75 25.55 -4.03 -3.48
C MET D 75 25.56 -4.56 -2.06
N MET D 76 25.47 -5.88 -1.90
CA MET D 76 25.41 -6.46 -0.56
C MET D 76 26.73 -6.26 0.16
N THR D 77 27.84 -6.60 -0.51
CA THR D 77 29.15 -6.41 0.09
C THR D 77 29.38 -4.95 0.47
N GLN D 78 28.96 -4.02 -0.40
CA GLN D 78 29.09 -2.62 -0.05
C GLN D 78 28.22 -2.25 1.15
N ALA D 79 27.04 -2.85 1.26
CA ALA D 79 26.07 -2.49 2.29
C ALA D 79 26.40 -3.03 3.67
N ILE D 80 27.01 -4.21 3.78
CA ILE D 80 27.15 -4.85 5.08
C ILE D 80 28.45 -4.48 5.79
N LYS D 81 29.37 -3.83 5.10
CA LYS D 81 30.68 -3.56 5.68
C LYS D 81 30.57 -2.66 6.91
N GLY D 82 31.14 -3.11 8.02
CA GLY D 82 31.12 -2.38 9.26
C GLY D 82 29.93 -2.64 10.15
N LYS D 83 28.96 -3.42 9.69
CA LYS D 83 27.79 -3.72 10.50
C LYS D 83 28.04 -4.95 11.37
N ASP D 84 27.29 -5.05 12.45
CA ASP D 84 27.28 -6.27 13.23
C ASP D 84 26.44 -7.34 12.52
N ILE D 85 26.75 -8.61 12.84
CA ILE D 85 26.05 -9.75 12.23
C ILE D 85 24.54 -9.60 12.32
N GLU D 86 24.05 -9.19 13.50
CA GLU D 86 22.60 -9.07 13.68
C GLU D 86 22.02 -8.04 12.72
N THR D 87 22.69 -6.91 12.55
CA THR D 87 22.22 -5.91 11.59
C THR D 87 22.27 -6.44 10.17
N ALA D 88 23.32 -7.20 9.83
CA ALA D 88 23.40 -7.76 8.49
C ALA D 88 22.25 -8.73 8.22
N LEU D 89 21.87 -9.51 9.23
CA LEU D 89 20.76 -10.46 9.07
C LEU D 89 19.43 -9.74 9.00
N SER D 90 19.27 -8.65 9.76
CA SER D 90 18.07 -7.82 9.63
C SER D 90 17.97 -7.21 8.24
N MET D 91 19.11 -6.76 7.70
CA MET D 91 19.11 -6.23 6.32
C MET D 91 18.74 -7.32 5.35
N SER D 92 19.20 -8.55 5.59
CA SER D 92 18.85 -9.65 4.71
C SER D 92 17.35 -9.93 4.74
N LYS D 93 16.75 -9.89 5.93
CA LYS D 93 15.32 -10.13 6.06
C LYS D 93 14.52 -9.00 5.41
N ILE D 94 14.96 -7.75 5.60
CA ILE D 94 14.33 -6.60 4.96
C ILE D 94 14.40 -6.73 3.45
N PHE D 95 15.57 -7.12 2.94
CA PHE D 95 15.74 -7.23 1.50
C PHE D 95 14.86 -8.34 0.94
N SER D 96 14.78 -9.46 1.65
CA SER D 96 13.93 -10.55 1.22
C SER D 96 12.47 -10.11 1.18
N ASP D 97 12.00 -9.41 2.22
CA ASP D 97 10.62 -8.92 2.20
C ASP D 97 10.39 -7.95 1.05
N MET D 98 11.37 -7.09 0.78
CA MET D 98 11.27 -6.18 -0.36
C MET D 98 11.23 -6.94 -1.67
N MET D 99 11.91 -8.09 -1.72
CA MET D 99 11.99 -8.93 -2.90
C MET D 99 10.73 -9.75 -3.14
N GLN D 100 10.14 -10.32 -2.10
CA GLN D 100 8.92 -11.10 -2.31
C GLN D 100 7.63 -10.28 -2.31
N GLY D 101 7.70 -8.97 -2.03
CA GLY D 101 6.51 -8.14 -2.07
C GLY D 101 5.88 -7.80 -0.75
N LYS D 102 6.59 -7.97 0.36
CA LYS D 102 6.07 -7.75 1.70
C LYS D 102 6.35 -6.31 2.10
N GLU D 103 6.24 -5.98 3.40
CA GLU D 103 6.65 -4.65 3.84
C GLU D 103 8.15 -4.62 4.06
N LEU D 110 19.13 1.89 2.53
CA LEU D 110 19.87 0.79 1.91
C LEU D 110 20.65 1.20 0.67
N GLY D 111 20.57 2.47 0.30
CA GLY D 111 21.30 2.93 -0.88
C GLY D 111 20.98 2.19 -2.16
N ASP D 112 22.04 1.78 -2.86
CA ASP D 112 21.93 1.15 -4.17
C ASP D 112 21.02 -0.07 -4.18
N ILE D 113 20.81 -0.71 -3.02
CA ILE D 113 20.01 -1.93 -2.96
C ILE D 113 18.60 -1.66 -3.46
N GLU D 114 18.15 -0.41 -3.33
CA GLU D 114 16.78 -0.04 -3.68
C GLU D 114 16.52 -0.15 -5.18
N ALA D 115 17.56 -0.09 -6.00
CA ALA D 115 17.38 -0.32 -7.43
C ALA D 115 16.85 -1.71 -7.72
N LEU D 116 17.10 -2.68 -6.82
CA LEU D 116 16.63 -4.05 -6.99
C LEU D 116 15.14 -4.27 -6.72
N GLN D 117 14.40 -3.26 -6.25
CA GLN D 117 12.96 -3.46 -6.03
C GLN D 117 12.24 -3.90 -7.29
N GLY D 118 12.72 -3.46 -8.45
CA GLY D 118 12.17 -3.89 -9.72
C GLY D 118 12.05 -5.39 -9.84
N VAL D 119 13.00 -6.14 -9.27
CA VAL D 119 13.07 -7.59 -9.44
C VAL D 119 11.89 -8.37 -8.89
N SER D 120 11.14 -7.83 -7.92
CA SER D 120 10.01 -8.58 -7.41
C SER D 120 8.97 -8.85 -8.49
N LYS D 121 8.92 -8.02 -9.53
CA LYS D 121 8.02 -8.23 -10.65
C LYS D 121 8.43 -9.43 -11.51
N PHE D 122 9.72 -9.76 -11.57
CA PHE D 122 10.15 -10.91 -12.35
C PHE D 122 10.47 -12.04 -11.37
N PRO D 123 9.55 -12.98 -11.16
CA PRO D 123 9.73 -14.00 -10.11
C PRO D 123 10.96 -14.88 -10.28
N ALA D 124 11.28 -15.27 -11.52
CA ALA D 124 12.41 -16.15 -11.75
C ALA D 124 13.71 -15.50 -11.33
N ARG D 125 13.74 -14.18 -11.29
CA ARG D 125 14.92 -13.42 -10.94
C ARG D 125 15.04 -13.14 -9.44
N ILE D 126 14.01 -13.47 -8.64
CA ILE D 126 14.12 -13.24 -7.19
C ILE D 126 15.29 -14.03 -6.61
N LYS D 127 15.42 -15.28 -7.04
CA LYS D 127 16.53 -16.09 -6.57
C LYS D 127 17.84 -15.41 -6.89
N CYS D 128 17.94 -14.88 -8.11
CA CYS D 128 19.13 -14.15 -8.51
C CYS D 128 19.47 -13.08 -7.49
N ALA D 129 18.49 -12.22 -7.20
CA ALA D 129 18.78 -11.08 -6.34
C ALA D 129 19.14 -11.53 -4.93
N THR D 130 18.61 -12.66 -4.49
CA THR D 130 18.83 -13.05 -3.11
C THR D 130 20.03 -13.96 -2.94
N LEU D 131 20.64 -14.41 -4.06
CA LEU D 131 21.72 -15.39 -3.97
C LEU D 131 22.77 -14.96 -2.96
N SER D 132 23.32 -13.75 -3.14
CA SER D 132 24.43 -13.32 -2.31
C SER D 132 24.01 -13.24 -0.85
N TRP D 133 22.80 -12.72 -0.59
CA TRP D 133 22.34 -12.62 0.79
C TRP D 133 22.19 -14.00 1.42
N LYS D 134 21.69 -14.98 0.66
CA LYS D 134 21.62 -16.32 1.22
C LYS D 134 23.02 -16.82 1.58
N ALA D 135 24.01 -16.50 0.75
CA ALA D 135 25.38 -16.89 1.07
C ALA D 135 25.80 -16.26 2.39
N LEU D 136 25.48 -14.98 2.57
CA LEU D 136 25.80 -14.29 3.81
C LEU D 136 25.26 -15.06 5.00
N GLU D 137 24.00 -15.50 4.92
CA GLU D 137 23.43 -16.21 6.07
C GLU D 137 24.21 -17.48 6.37
N LYS D 138 24.46 -18.30 5.33
CA LYS D 138 25.25 -19.51 5.54
C LYS D 138 26.58 -19.17 6.18
N GLY D 139 27.15 -18.02 5.82
CA GLY D 139 28.45 -17.65 6.33
C GLY D 139 28.46 -17.38 7.82
N VAL D 140 27.42 -16.72 8.34
CA VAL D 140 27.50 -16.28 9.74
C VAL D 140 26.78 -17.18 10.72
N ALA D 141 25.49 -17.42 10.51
CA ALA D 141 24.78 -18.45 11.25
C ALA D 141 24.67 -19.73 10.42
#